data_6TKN
#
_entry.id   6TKN
#
_cell.length_a   41.730
_cell.length_b   76.760
_cell.length_c   147.910
_cell.angle_alpha   90.000
_cell.angle_beta   90.000
_cell.angle_gamma   90.000
#
_symmetry.space_group_name_H-M   'P 21 21 21'
#
loop_
_entity.id
_entity.type
_entity.pdbx_description
1 polymer Tankyrase-2
2 non-polymer ~{N}-[3-[4-(2-chlorophenyl)-5-pyrimidin-4-yl-1,2,4-triazol-3-yl]-1-bicyclo[1.1.1]pentanyl]pyridine-2-carboxamide
3 non-polymer 'ZINC ION'
4 water water
#
_entity_poly.entity_id   1
_entity_poly.type   'polypeptide(L)'
_entity_poly.pdbx_seq_one_letter_code
;MHHHHHHSSGVDLGTENLYFQSMLNTSGSGTILIDLSPDDKEFQSVEEEMQSTVREHRDGGHAGGIFNRYNILKIQKVCN
KKLWERYTHRRKEVSEENHNHANERMLFHGSPFVNAIIHKGFDERHAYIGGMFGAGIYFAENSSKSNQYVYGIGGGTGCP
VHKDRSCYICHRQLLFCRVTLGKSFLQFSAMKMAHSPPGHHSVTGRPSVNGLALAEYVIYRGEQAYPEYLITYQIMRPEG
;
_entity_poly.pdbx_strand_id   AAA,BBB
#
loop_
_chem_comp.id
_chem_comp.type
_chem_comp.name
_chem_comp.formula
NJH non-polymer ~{N}-[3-[4-(2-chlorophenyl)-5-pyrimidin-4-yl-1,2,4-triazol-3-yl]-1-bicyclo[1.1.1]pentanyl]pyridine-2-carboxamide 'C23 H18 Cl N7 O'
ZN non-polymer 'ZINC ION' 'Zn 2'
#
# COMPACT_ATOMS: atom_id res chain seq x y z
N SER A 29 25.18 -12.19 22.95
CA SER A 29 24.25 -12.15 21.77
C SER A 29 22.81 -11.89 22.23
N GLY A 30 22.28 -12.76 23.09
CA GLY A 30 20.90 -12.71 23.61
C GLY A 30 19.92 -13.48 22.74
N THR A 31 20.38 -14.03 21.60
CA THR A 31 19.55 -14.83 20.67
C THR A 31 19.49 -16.28 21.15
N ILE A 32 18.27 -16.81 21.31
CA ILE A 32 17.98 -18.25 21.55
C ILE A 32 17.22 -18.78 20.32
N LEU A 33 17.62 -19.95 19.82
CA LEU A 33 16.95 -20.67 18.71
C LEU A 33 16.05 -21.77 19.29
N ILE A 34 14.76 -21.75 18.98
CA ILE A 34 13.81 -22.80 19.44
C ILE A 34 13.53 -23.70 18.23
N ASP A 35 14.00 -24.95 18.27
CA ASP A 35 13.76 -25.96 17.21
C ASP A 35 12.27 -26.30 17.20
N LEU A 36 11.62 -26.20 16.05
CA LEU A 36 10.20 -26.57 15.89
C LEU A 36 10.13 -28.03 15.41
N SER A 37 9.30 -28.85 16.05
CA SER A 37 8.99 -30.23 15.61
C SER A 37 8.32 -30.17 14.25
N PRO A 38 8.64 -31.08 13.31
CA PRO A 38 7.90 -31.19 12.04
C PRO A 38 6.38 -31.37 12.14
N ASP A 39 5.87 -31.89 13.26
CA ASP A 39 4.43 -32.19 13.46
C ASP A 39 3.70 -30.99 14.09
N ASP A 40 4.46 -29.95 14.45
CA ASP A 40 3.95 -28.66 14.98
C ASP A 40 3.29 -27.87 13.83
N LYS A 41 2.05 -27.40 14.02
CA LYS A 41 1.26 -26.62 13.03
C LYS A 41 2.04 -25.37 12.60
N GLU A 42 2.88 -24.82 13.50
CA GLU A 42 3.72 -23.61 13.24
C GLU A 42 4.78 -23.94 12.20
N PHE A 43 5.55 -25.01 12.41
CA PHE A 43 6.53 -25.55 11.45
C PHE A 43 5.85 -25.73 10.08
N GLN A 44 4.70 -26.39 10.08
CA GLN A 44 3.95 -26.79 8.86
C GLN A 44 3.54 -25.54 8.08
N SER A 45 3.06 -24.53 8.80
CA SER A 45 2.65 -23.22 8.23
C SER A 45 3.82 -22.60 7.44
N VAL A 46 4.98 -22.47 8.08
CA VAL A 46 6.21 -21.88 7.49
C VAL A 46 6.70 -22.75 6.32
N GLU A 47 6.72 -24.07 6.52
CA GLU A 47 7.06 -25.10 5.51
C GLU A 47 6.17 -24.91 4.27
N GLU A 48 4.86 -24.75 4.45
CA GLU A 48 3.91 -24.66 3.32
C GLU A 48 4.14 -23.34 2.57
N GLU A 49 4.40 -22.25 3.28
CA GLU A 49 4.68 -20.92 2.69
C GLU A 49 5.93 -21.00 1.83
N MET A 50 6.97 -21.64 2.36
CA MET A 50 8.24 -21.87 1.64
C MET A 50 7.98 -22.62 0.32
N GLN A 51 7.32 -23.78 0.39
CA GLN A 51 7.13 -24.70 -0.77
C GLN A 51 6.18 -24.07 -1.79
N SER A 52 5.07 -23.49 -1.33
CA SER A 52 3.94 -23.06 -2.20
C SER A 52 4.30 -21.79 -2.98
N THR A 53 5.29 -21.01 -2.52
CA THR A 53 5.67 -19.70 -3.13
C THR A 53 6.87 -19.84 -4.07
N VAL A 54 7.33 -21.06 -4.36
CA VAL A 54 8.35 -21.35 -5.42
C VAL A 54 7.78 -20.99 -6.80
N ARG A 55 8.55 -20.29 -7.65
CA ARG A 55 8.18 -19.96 -9.05
C ARG A 55 9.30 -20.39 -10.01
N GLU A 56 8.97 -20.57 -11.29
CA GLU A 56 9.95 -20.66 -12.40
C GLU A 56 10.46 -19.25 -12.68
N HIS A 57 11.77 -19.02 -12.61
CA HIS A 57 12.41 -17.68 -12.75
C HIS A 57 12.83 -17.40 -14.20
N ARG A 58 12.92 -16.11 -14.54
CA ARG A 58 13.30 -15.58 -15.87
C ARG A 58 14.66 -16.12 -16.34
N ASP A 59 15.55 -16.43 -15.39
CA ASP A 59 17.00 -16.69 -15.63
C ASP A 59 17.24 -18.21 -15.79
N GLY A 60 16.17 -19.03 -15.82
CA GLY A 60 16.26 -20.50 -15.93
C GLY A 60 17.08 -21.15 -14.81
N GLY A 61 17.09 -20.55 -13.62
CA GLY A 61 17.76 -21.09 -12.41
C GLY A 61 19.24 -20.73 -12.34
N HIS A 62 19.71 -19.80 -13.17
CA HIS A 62 21.13 -19.33 -13.18
C HIS A 62 21.55 -18.93 -11.75
N ALA A 63 20.75 -18.09 -11.09
CA ALA A 63 21.05 -17.49 -9.77
C ALA A 63 20.94 -18.53 -8.64
N GLY A 64 19.75 -19.11 -8.43
CA GLY A 64 19.42 -19.94 -7.26
C GLY A 64 19.41 -21.44 -7.52
N GLY A 65 19.72 -21.89 -8.75
CA GLY A 65 19.72 -23.31 -9.13
C GLY A 65 18.38 -23.76 -9.72
N ILE A 66 18.34 -24.98 -10.26
CA ILE A 66 17.15 -25.60 -10.92
C ILE A 66 16.44 -26.52 -9.92
N PHE A 67 15.15 -26.28 -9.67
CA PHE A 67 14.33 -27.00 -8.66
C PHE A 67 12.90 -26.47 -8.75
N ASN A 68 11.94 -27.28 -8.32
CA ASN A 68 10.53 -26.82 -8.17
C ASN A 68 10.06 -27.08 -6.73
N ARG A 69 10.92 -27.64 -5.85
CA ARG A 69 10.60 -27.96 -4.43
C ARG A 69 11.87 -27.92 -3.58
N TYR A 70 11.74 -27.91 -2.25
CA TYR A 70 12.88 -27.93 -1.28
C TYR A 70 12.82 -29.17 -0.38
N ASN A 71 13.98 -29.55 0.18
CA ASN A 71 14.12 -30.44 1.37
C ASN A 71 14.26 -29.53 2.61
N ILE A 72 13.18 -29.38 3.37
CA ILE A 72 13.15 -28.52 4.60
C ILE A 72 13.72 -29.35 5.75
N LEU A 73 14.93 -29.03 6.23
CA LEU A 73 15.65 -29.84 7.25
C LEU A 73 15.33 -29.34 8.66
N LYS A 74 15.18 -28.02 8.81
CA LYS A 74 15.08 -27.40 10.16
C LYS A 74 14.42 -26.03 10.04
N ILE A 75 13.42 -25.80 10.90
CA ILE A 75 12.78 -24.47 11.10
C ILE A 75 12.91 -24.13 12.58
N GLN A 76 13.63 -23.04 12.89
CA GLN A 76 13.89 -22.55 14.26
C GLN A 76 13.32 -21.13 14.41
N LYS A 77 12.51 -20.92 15.44
CA LYS A 77 12.01 -19.59 15.84
C LYS A 77 13.19 -18.85 16.50
N VAL A 78 13.54 -17.68 15.96
CA VAL A 78 14.62 -16.81 16.50
C VAL A 78 14.01 -15.99 17.62
N CYS A 79 14.55 -16.08 18.83
CA CYS A 79 14.02 -15.38 20.03
CA CYS A 79 14.02 -15.39 20.04
C CYS A 79 15.12 -14.48 20.61
N ASN A 80 14.94 -13.16 20.51
CA ASN A 80 15.89 -12.12 21.01
C ASN A 80 15.09 -10.92 21.51
N LYS A 81 15.06 -10.70 22.83
CA LYS A 81 14.25 -9.65 23.50
C LYS A 81 14.62 -8.27 22.94
N LYS A 82 15.92 -8.00 22.80
CA LYS A 82 16.47 -6.67 22.40
C LYS A 82 15.99 -6.39 20.98
N LEU A 83 16.18 -7.35 20.07
CA LEU A 83 15.78 -7.19 18.64
C LEU A 83 14.26 -7.06 18.51
N TRP A 84 13.48 -7.76 19.34
CA TRP A 84 12.00 -7.68 19.32
C TRP A 84 11.53 -6.30 19.81
N GLU A 85 12.13 -5.78 20.88
CA GLU A 85 11.82 -4.44 21.44
C GLU A 85 12.17 -3.37 20.38
N ARG A 86 13.32 -3.51 19.74
CA ARG A 86 13.79 -2.62 18.65
C ARG A 86 12.71 -2.58 17.56
N TYR A 87 12.23 -3.76 17.13
CA TYR A 87 11.26 -3.92 16.01
C TYR A 87 9.92 -3.29 16.38
N THR A 88 9.31 -3.70 17.52
CA THR A 88 7.98 -3.20 17.96
C THR A 88 8.01 -1.67 18.08
N HIS A 89 9.10 -1.11 18.61
CA HIS A 89 9.29 0.35 18.82
C HIS A 89 9.17 1.08 17.48
N ARG A 90 9.90 0.60 16.46
CA ARG A 90 9.91 1.19 15.10
C ARG A 90 8.53 0.99 14.46
N ARG A 91 7.92 -0.19 14.64
CA ARG A 91 6.58 -0.53 14.11
C ARG A 91 5.57 0.52 14.59
N LYS A 92 5.67 0.94 15.85
CA LYS A 92 4.77 1.96 16.43
C LYS A 92 5.03 3.31 15.77
N GLU A 93 6.29 3.71 15.62
CA GLU A 93 6.66 4.99 14.96
C GLU A 93 6.06 4.97 13.56
N VAL A 94 6.21 3.86 12.83
CA VAL A 94 5.73 3.75 11.42
C VAL A 94 4.19 3.85 11.37
N SER A 95 3.47 3.15 12.25
CA SER A 95 1.98 3.15 12.32
C SER A 95 1.44 4.56 12.46
N GLU A 96 2.03 5.36 13.35
CA GLU A 96 1.61 6.76 13.64
C GLU A 96 1.83 7.62 12.39
N GLU A 97 2.85 7.34 11.60
CA GLU A 97 3.14 8.02 10.31
C GLU A 97 2.28 7.46 9.16
N ASN A 98 1.51 6.39 9.36
CA ASN A 98 0.77 5.71 8.26
C ASN A 98 -0.65 5.35 8.72
N HIS A 99 -1.36 6.28 9.34
CA HIS A 99 -2.82 6.22 9.62
C HIS A 99 -3.11 5.03 10.53
N ASN A 100 -2.30 4.87 11.58
CA ASN A 100 -2.36 3.80 12.60
C ASN A 100 -2.35 2.44 11.91
N HIS A 101 -1.43 2.22 10.95
CA HIS A 101 -1.27 0.95 10.21
C HIS A 101 0.18 0.72 9.82
N ALA A 102 0.80 -0.34 10.36
CA ALA A 102 2.22 -0.70 10.17
C ALA A 102 2.46 -1.26 8.75
N ASN A 103 1.41 -1.83 8.12
CA ASN A 103 1.52 -2.54 6.82
C ASN A 103 2.57 -3.65 6.99
N GLU A 104 2.33 -4.53 7.95
CA GLU A 104 3.27 -5.60 8.35
C GLU A 104 3.01 -6.85 7.50
N ARG A 105 4.08 -7.40 6.94
CA ARG A 105 4.05 -8.61 6.09
C ARG A 105 5.05 -9.64 6.65
N MET A 106 4.74 -10.92 6.50
CA MET A 106 5.71 -12.03 6.64
C MET A 106 6.37 -12.20 5.28
N LEU A 107 7.68 -11.91 5.17
CA LEU A 107 8.45 -12.05 3.91
C LEU A 107 9.73 -12.86 4.13
N PHE A 108 10.22 -13.47 3.05
CA PHE A 108 11.51 -14.19 3.00
C PHE A 108 12.62 -13.16 2.80
N HIS A 109 13.78 -13.47 3.38
CA HIS A 109 15.08 -12.80 3.15
C HIS A 109 16.15 -13.86 2.90
N GLY A 110 17.00 -13.63 1.90
CA GLY A 110 18.23 -14.42 1.67
C GLY A 110 19.43 -13.52 1.44
N SER A 111 20.56 -13.90 2.03
CA SER A 111 21.86 -13.19 1.93
C SER A 111 22.94 -14.06 2.55
N PRO A 112 24.23 -13.81 2.24
CA PRO A 112 25.32 -14.47 2.96
C PRO A 112 25.50 -14.06 4.43
N PHE A 113 24.59 -13.28 5.04
CA PHE A 113 24.78 -12.64 6.36
C PHE A 113 23.79 -13.19 7.40
N VAL A 114 23.09 -14.27 7.06
CA VAL A 114 21.99 -14.83 7.89
C VAL A 114 22.47 -15.09 9.32
N ASN A 115 23.66 -15.65 9.53
CA ASN A 115 24.13 -16.03 10.88
C ASN A 115 24.42 -14.75 11.69
N ALA A 116 24.95 -13.72 11.04
CA ALA A 116 25.17 -12.39 11.67
C ALA A 116 23.81 -11.78 12.03
N ILE A 117 22.85 -11.79 11.09
CA ILE A 117 21.52 -11.10 11.22
C ILE A 117 20.77 -11.66 12.43
N ILE A 118 20.77 -12.98 12.65
CA ILE A 118 19.98 -13.60 13.74
C ILE A 118 20.56 -13.23 15.12
N HIS A 119 21.82 -12.79 15.20
CA HIS A 119 22.50 -12.40 16.45
C HIS A 119 22.46 -10.87 16.66
N LYS A 120 22.75 -10.08 15.62
CA LYS A 120 22.91 -8.60 15.73
C LYS A 120 21.71 -7.85 15.11
N GLY A 121 20.75 -8.55 14.52
CA GLY A 121 19.63 -7.94 13.77
C GLY A 121 20.05 -7.48 12.38
N PHE A 122 19.09 -7.12 11.52
CA PHE A 122 19.37 -6.53 10.18
C PHE A 122 20.09 -5.18 10.37
N ASP A 123 20.99 -4.83 9.45
CA ASP A 123 21.89 -3.66 9.57
C ASP A 123 22.06 -2.98 8.20
N GLU A 124 21.34 -1.88 7.98
CA GLU A 124 21.35 -1.11 6.71
C GLU A 124 22.78 -0.69 6.37
N ARG A 125 23.65 -0.52 7.37
CA ARG A 125 25.04 -0.03 7.15
C ARG A 125 25.83 -0.99 6.25
N HIS A 126 25.38 -2.24 6.10
CA HIS A 126 26.02 -3.29 5.26
C HIS A 126 25.34 -3.36 3.88
N ALA A 127 24.33 -2.53 3.62
CA ALA A 127 23.56 -2.51 2.34
C ALA A 127 24.43 -1.95 1.22
N TYR A 128 24.31 -2.53 0.02
CA TYR A 128 25.11 -2.22 -1.20
C TYR A 128 24.36 -1.16 -2.02
N ILE A 129 24.96 0.01 -2.22
CA ILE A 129 24.25 1.19 -2.82
C ILE A 129 24.09 1.02 -4.35
N GLY A 130 24.70 0.00 -4.96
CA GLY A 130 24.56 -0.31 -6.41
C GLY A 130 23.35 -1.22 -6.73
N GLY A 131 22.82 -1.94 -5.74
CA GLY A 131 21.63 -2.82 -5.88
C GLY A 131 20.49 -2.14 -6.63
N MET A 132 19.58 -2.95 -7.20
CA MET A 132 18.50 -2.50 -8.13
C MET A 132 17.71 -1.32 -7.56
N PHE A 133 17.36 -1.35 -6.27
CA PHE A 133 16.56 -0.31 -5.58
C PHE A 133 17.38 0.35 -4.46
N GLY A 134 18.70 0.39 -4.64
CA GLY A 134 19.63 1.14 -3.79
C GLY A 134 19.94 0.43 -2.48
N ALA A 135 20.59 1.15 -1.56
CA ALA A 135 21.13 0.66 -0.27
C ALA A 135 20.00 0.30 0.68
N GLY A 136 19.35 -0.83 0.42
CA GLY A 136 18.27 -1.35 1.27
C GLY A 136 18.46 -2.82 1.58
N ILE A 137 17.62 -3.33 2.48
CA ILE A 137 17.54 -4.76 2.85
C ILE A 137 16.37 -5.34 2.07
N TYR A 138 16.61 -6.32 1.21
CA TYR A 138 15.61 -6.82 0.24
C TYR A 138 14.88 -8.03 0.85
N PHE A 139 13.57 -8.12 0.59
CA PHE A 139 12.66 -9.23 0.98
C PHE A 139 11.83 -9.65 -0.24
N ALA A 140 11.25 -10.84 -0.22
CA ALA A 140 10.38 -11.34 -1.30
C ALA A 140 9.22 -12.13 -0.67
N GLU A 141 8.10 -12.19 -1.37
CA GLU A 141 6.93 -13.03 -0.98
C GLU A 141 7.11 -14.42 -1.60
N ASN A 142 8.07 -14.57 -2.52
CA ASN A 142 8.45 -15.86 -3.17
C ASN A 142 9.77 -16.35 -2.56
N SER A 143 9.74 -17.47 -1.84
CA SER A 143 10.94 -18.15 -1.27
C SER A 143 12.02 -18.31 -2.34
N SER A 144 11.64 -18.72 -3.55
CA SER A 144 12.57 -19.00 -4.67
C SER A 144 13.28 -17.72 -5.12
N LYS A 145 12.69 -16.55 -4.88
CA LYS A 145 13.33 -15.24 -5.21
C LYS A 145 14.45 -14.98 -4.18
N SER A 146 14.15 -15.11 -2.88
CA SER A 146 15.15 -14.91 -1.80
C SER A 146 16.25 -15.97 -1.90
N ASN A 147 15.91 -17.19 -2.34
CA ASN A 147 16.88 -18.28 -2.61
C ASN A 147 17.97 -17.79 -3.57
N GLN A 148 17.64 -16.89 -4.49
CA GLN A 148 18.60 -16.36 -5.50
C GLN A 148 19.71 -15.54 -4.84
N TYR A 149 19.54 -15.05 -3.61
CA TYR A 149 20.50 -14.13 -2.95
C TYR A 149 21.29 -14.85 -1.86
N VAL A 150 20.97 -16.10 -1.56
CA VAL A 150 21.59 -16.87 -0.44
C VAL A 150 23.12 -16.80 -0.54
N TYR A 151 23.68 -16.96 -1.75
CA TYR A 151 25.15 -17.05 -1.96
C TYR A 151 25.69 -15.74 -2.56
N GLY A 152 24.95 -14.64 -2.41
CA GLY A 152 25.33 -13.29 -2.91
C GLY A 152 24.39 -12.80 -3.99
N ILE A 153 24.66 -11.62 -4.53
CA ILE A 153 23.89 -10.99 -5.64
C ILE A 153 24.04 -11.87 -6.88
N GLY A 154 22.92 -12.20 -7.53
CA GLY A 154 22.87 -13.16 -8.66
C GLY A 154 23.46 -14.51 -8.29
N GLY A 155 23.29 -14.93 -7.02
CA GLY A 155 23.82 -16.18 -6.47
C GLY A 155 25.35 -16.22 -6.43
N GLY A 156 25.99 -15.06 -6.57
CA GLY A 156 27.46 -14.88 -6.60
C GLY A 156 28.17 -16.06 -7.25
N THR A 157 29.13 -16.65 -6.51
CA THR A 157 30.05 -17.74 -6.94
C THR A 157 29.44 -19.11 -6.54
N GLY A 158 28.19 -19.13 -6.05
CA GLY A 158 27.49 -20.35 -5.61
C GLY A 158 27.98 -20.83 -4.26
N CYS A 159 27.80 -22.12 -3.97
CA CYS A 159 28.14 -22.75 -2.66
C CYS A 159 29.64 -22.68 -2.42
N PRO A 160 30.08 -22.42 -1.17
CA PRO A 160 31.51 -22.35 -0.85
C PRO A 160 32.31 -23.62 -1.22
N VAL A 161 31.70 -24.82 -1.10
CA VAL A 161 32.42 -26.11 -1.25
C VAL A 161 32.60 -26.46 -2.74
N HIS A 162 31.55 -26.35 -3.56
CA HIS A 162 31.54 -26.82 -4.99
C HIS A 162 31.49 -25.66 -5.98
N LYS A 163 31.36 -24.40 -5.52
CA LYS A 163 31.20 -23.18 -6.37
C LYS A 163 30.07 -23.42 -7.39
N ASP A 164 28.90 -23.84 -6.92
CA ASP A 164 27.75 -24.34 -7.73
C ASP A 164 26.47 -23.67 -7.23
N ARG A 165 25.86 -22.83 -8.07
CA ARG A 165 24.66 -22.05 -7.71
C ARG A 165 23.43 -22.99 -7.68
N SER A 166 23.53 -24.15 -8.32
CA SER A 166 22.47 -25.19 -8.38
C SER A 166 22.84 -26.40 -7.52
N CYS A 167 23.70 -26.22 -6.52
CA CYS A 167 24.18 -27.31 -5.64
C CYS A 167 23.01 -27.89 -4.84
N TYR A 168 22.84 -29.21 -4.90
CA TYR A 168 21.76 -29.98 -4.23
C TYR A 168 22.25 -30.59 -2.91
N ILE A 169 23.54 -30.44 -2.60
CA ILE A 169 24.24 -31.09 -1.45
C ILE A 169 24.33 -30.09 -0.29
N CYS A 170 24.92 -28.92 -0.51
CA CYS A 170 25.19 -27.93 0.57
C CYS A 170 23.84 -27.41 1.11
N HIS A 171 23.73 -27.28 2.43
CA HIS A 171 22.52 -26.79 3.13
C HIS A 171 22.47 -25.26 3.05
N ARG A 172 21.33 -24.72 2.62
CA ARG A 172 21.08 -23.26 2.51
C ARG A 172 20.30 -22.80 3.74
N GLN A 173 20.28 -21.49 3.99
CA GLN A 173 19.43 -20.86 5.05
C GLN A 173 18.72 -19.63 4.49
N LEU A 174 17.40 -19.56 4.66
CA LEU A 174 16.56 -18.35 4.48
C LEU A 174 16.06 -17.88 5.84
N LEU A 175 15.68 -16.62 5.94
CA LEU A 175 14.89 -16.08 7.08
C LEU A 175 13.46 -15.82 6.58
N PHE A 176 12.47 -16.15 7.40
CA PHE A 176 11.06 -15.74 7.21
C PHE A 176 10.76 -14.70 8.28
N CYS A 177 10.69 -13.44 7.85
CA CYS A 177 10.77 -12.26 8.76
C CYS A 177 9.44 -11.52 8.81
N ARG A 178 9.15 -10.95 9.97
CA ARG A 178 8.11 -9.93 10.19
C ARG A 178 8.67 -8.60 9.71
N VAL A 179 8.07 -8.02 8.65
CA VAL A 179 8.57 -6.76 8.01
C VAL A 179 7.47 -5.70 8.07
N THR A 180 7.80 -4.55 8.64
CA THR A 180 6.98 -3.31 8.61
C THR A 180 7.25 -2.57 7.30
N LEU A 181 6.28 -2.50 6.40
CA LEU A 181 6.41 -1.80 5.10
C LEU A 181 5.96 -0.34 5.22
N GLY A 182 5.10 -0.02 6.19
CA GLY A 182 4.44 1.29 6.33
C GLY A 182 3.82 1.72 5.00
N LYS A 183 3.99 3.00 4.64
CA LYS A 183 3.62 3.54 3.32
C LYS A 183 4.75 3.19 2.35
N SER A 184 4.51 2.23 1.46
CA SER A 184 5.51 1.69 0.50
C SER A 184 5.41 2.48 -0.81
N PHE A 185 6.56 2.80 -1.40
CA PHE A 185 6.67 3.55 -2.68
C PHE A 185 6.80 2.54 -3.81
N LEU A 186 5.87 2.55 -4.77
CA LEU A 186 5.94 1.67 -5.97
C LEU A 186 7.01 2.22 -6.91
N GLN A 187 7.97 1.37 -7.28
CA GLN A 187 9.07 1.69 -8.24
C GLN A 187 9.20 0.55 -9.26
N PHE A 188 9.49 0.88 -10.51
CA PHE A 188 9.63 -0.09 -11.63
C PHE A 188 11.10 -0.14 -12.06
N SER A 189 11.41 -1.06 -12.99
CA SER A 189 12.76 -1.39 -13.51
C SER A 189 13.08 -0.49 -14.72
N MET A 193 19.12 6.00 -4.37
CA MET A 193 18.13 5.60 -3.34
C MET A 193 18.87 5.09 -2.08
N ALA A 194 19.19 6.00 -1.16
CA ALA A 194 19.87 5.72 0.14
C ALA A 194 18.83 5.39 1.22
N HIS A 195 17.68 6.07 1.17
CA HIS A 195 16.56 5.93 2.13
C HIS A 195 15.23 5.81 1.38
N SER A 196 14.14 5.58 2.10
CA SER A 196 12.77 5.64 1.55
C SER A 196 12.52 7.08 1.12
N PRO A 197 11.75 7.32 0.03
CA PRO A 197 11.33 8.66 -0.34
C PRO A 197 10.56 9.33 0.80
N PRO A 198 10.49 10.68 0.79
CA PRO A 198 9.78 11.41 1.84
C PRO A 198 8.35 10.88 1.99
N GLY A 199 7.86 10.74 3.22
CA GLY A 199 6.50 10.28 3.55
C GLY A 199 6.35 8.77 3.49
N HIS A 200 7.37 8.03 3.03
CA HIS A 200 7.33 6.56 2.81
C HIS A 200 8.29 5.85 3.78
N HIS A 201 8.06 4.55 4.01
CA HIS A 201 8.82 3.72 4.98
C HIS A 201 9.46 2.50 4.32
N SER A 202 9.25 2.28 3.01
CA SER A 202 9.70 1.10 2.26
C SER A 202 9.50 1.34 0.75
N VAL A 203 10.05 0.43 -0.07
CA VAL A 203 9.90 0.40 -1.54
C VAL A 203 9.34 -0.98 -1.95
N THR A 204 8.30 -0.99 -2.78
CA THR A 204 7.78 -2.20 -3.46
C THR A 204 8.23 -2.16 -4.92
N GLY A 205 9.11 -3.07 -5.35
CA GLY A 205 9.54 -3.22 -6.75
C GLY A 205 8.71 -4.24 -7.49
N ARG A 206 8.63 -4.14 -8.82
CA ARG A 206 7.99 -5.16 -9.70
C ARG A 206 8.64 -5.06 -11.07
N PRO A 207 9.58 -5.97 -11.42
CA PRO A 207 10.37 -5.84 -12.65
C PRO A 207 9.63 -6.29 -13.93
N LEU A 212 7.23 -12.65 -16.21
CA LEU A 212 7.52 -12.98 -14.77
C LEU A 212 7.83 -11.70 -13.99
N ALA A 213 6.81 -11.12 -13.34
CA ALA A 213 6.91 -10.00 -12.38
C ALA A 213 6.70 -10.53 -10.95
N LEU A 214 7.78 -10.70 -10.19
CA LEU A 214 7.75 -11.12 -8.76
C LEU A 214 8.05 -9.90 -7.89
N ALA A 215 7.21 -9.65 -6.89
CA ALA A 215 7.28 -8.49 -5.97
C ALA A 215 8.54 -8.60 -5.09
N GLU A 216 9.30 -7.51 -5.01
CA GLU A 216 10.45 -7.33 -4.09
C GLU A 216 10.10 -6.16 -3.17
N TYR A 217 10.45 -6.26 -1.90
CA TYR A 217 10.20 -5.24 -0.86
C TYR A 217 11.56 -4.82 -0.29
N VAL A 218 11.78 -3.52 -0.15
CA VAL A 218 13.07 -2.98 0.36
C VAL A 218 12.77 -2.03 1.54
N ILE A 219 13.46 -2.23 2.67
CA ILE A 219 13.49 -1.30 3.83
C ILE A 219 14.89 -0.69 3.92
N TYR A 220 15.00 0.48 4.56
CA TYR A 220 16.23 1.30 4.61
C TYR A 220 16.63 1.50 6.08
N ARG A 221 15.97 0.78 6.99
CA ARG A 221 16.27 0.75 8.45
C ARG A 221 16.15 -0.69 8.94
N GLY A 222 17.24 -1.23 9.47
CA GLY A 222 17.34 -2.63 9.93
C GLY A 222 16.27 -3.01 10.93
N GLU A 223 15.78 -2.07 11.75
CA GLU A 223 14.82 -2.36 12.84
C GLU A 223 13.39 -2.42 12.29
N GLN A 224 13.18 -2.21 10.97
CA GLN A 224 11.85 -2.42 10.33
C GLN A 224 11.63 -3.90 9.95
N ALA A 225 12.53 -4.81 10.37
CA ALA A 225 12.38 -6.27 10.14
C ALA A 225 12.87 -7.05 11.37
N TYR A 226 12.11 -8.05 11.79
CA TYR A 226 12.52 -9.07 12.80
C TYR A 226 12.70 -10.42 12.11
N PRO A 227 13.89 -11.06 12.22
CA PRO A 227 14.12 -12.35 11.58
C PRO A 227 13.52 -13.48 12.45
N GLU A 228 12.26 -13.83 12.19
CA GLU A 228 11.41 -14.59 13.14
C GLU A 228 11.73 -16.09 13.06
N TYR A 229 11.93 -16.63 11.86
CA TYR A 229 12.23 -18.06 11.61
C TYR A 229 13.50 -18.20 10.78
N LEU A 230 14.41 -19.06 11.24
CA LEU A 230 15.60 -19.53 10.49
C LEU A 230 15.23 -20.88 9.89
N ILE A 231 15.25 -20.97 8.56
CA ILE A 231 14.88 -22.19 7.80
C ILE A 231 16.16 -22.76 7.17
N THR A 232 16.57 -23.96 7.58
CA THR A 232 17.69 -24.71 6.97
C THR A 232 17.13 -25.68 5.94
N TYR A 233 17.59 -25.62 4.70
CA TYR A 233 17.02 -26.43 3.59
C TYR A 233 18.08 -26.74 2.53
N GLN A 234 17.68 -27.58 1.58
CA GLN A 234 18.37 -27.76 0.28
C GLN A 234 17.32 -27.56 -0.82
N ILE A 235 17.75 -27.10 -1.99
CA ILE A 235 16.96 -27.27 -3.24
C ILE A 235 17.00 -28.76 -3.60
N MET A 236 15.85 -29.28 -4.03
CA MET A 236 15.65 -30.70 -4.40
C MET A 236 15.96 -30.85 -5.89
N ARG A 237 16.77 -31.85 -6.25
CA ARG A 237 16.99 -32.26 -7.66
C ARG A 237 15.65 -32.69 -8.24
N PRO A 238 15.21 -32.11 -9.38
CA PRO A 238 14.01 -32.63 -10.06
C PRO A 238 14.29 -34.03 -10.64
N GLU A 239 13.25 -34.86 -10.80
CA GLU A 239 13.38 -36.27 -11.27
C GLU A 239 14.33 -36.36 -12.48
N SER B 29 -36.00 8.46 0.65
CA SER B 29 -34.49 8.61 0.60
C SER B 29 -33.86 8.11 1.92
N GLY B 30 -34.27 8.70 3.05
CA GLY B 30 -33.75 8.39 4.39
C GLY B 30 -32.56 9.26 4.77
N THR B 31 -32.08 10.11 3.84
CA THR B 31 -30.91 11.01 4.07
C THR B 31 -31.38 12.29 4.76
N ILE B 32 -30.74 12.62 5.89
CA ILE B 32 -30.87 13.92 6.59
C ILE B 32 -29.52 14.63 6.49
N LEU B 33 -29.53 15.91 6.10
CA LEU B 33 -28.34 16.82 6.08
C LEU B 33 -28.34 17.66 7.36
N ILE B 34 -27.26 17.61 8.14
CA ILE B 34 -27.10 18.46 9.35
C ILE B 34 -26.13 19.57 8.99
N ASP B 35 -26.63 20.80 8.90
CA ASP B 35 -25.84 22.03 8.61
C ASP B 35 -24.93 22.27 9.81
N LEU B 36 -23.62 22.37 9.58
CA LEU B 36 -22.65 22.56 10.68
C LEU B 36 -22.35 24.06 10.79
N SER B 37 -22.35 24.58 12.01
CA SER B 37 -21.92 25.96 12.31
C SER B 37 -20.44 26.10 11.97
N PRO B 38 -20.00 27.24 11.37
CA PRO B 38 -18.58 27.51 11.17
C PRO B 38 -17.70 27.46 12.44
N ASP B 39 -18.27 27.67 13.64
CA ASP B 39 -17.53 27.73 14.93
C ASP B 39 -17.48 26.33 15.57
N ASP B 40 -18.14 25.34 14.95
CA ASP B 40 -18.08 23.91 15.34
C ASP B 40 -16.71 23.35 14.95
N LYS B 41 -16.00 22.70 15.89
CA LYS B 41 -14.66 22.08 15.70
C LYS B 41 -14.71 21.08 14.55
N GLU B 42 -15.88 20.45 14.32
CA GLU B 42 -16.10 19.43 13.25
C GLU B 42 -16.01 20.11 11.88
N PHE B 43 -16.76 21.18 11.67
CA PHE B 43 -16.72 22.06 10.48
C PHE B 43 -15.28 22.47 10.20
N GLN B 44 -14.61 22.98 11.24
CA GLN B 44 -13.24 23.55 11.16
C GLN B 44 -12.25 22.47 10.70
N SER B 45 -12.38 21.27 11.25
CA SER B 45 -11.54 20.10 10.92
C SER B 45 -11.62 19.82 9.42
N VAL B 46 -12.84 19.69 8.89
CA VAL B 46 -13.13 19.38 7.45
C VAL B 46 -12.65 20.55 6.59
N GLU B 47 -12.93 21.78 7.01
CA GLU B 47 -12.50 23.05 6.37
C GLU B 47 -10.97 23.06 6.25
N GLU B 48 -10.25 22.72 7.33
CA GLU B 48 -8.76 22.77 7.35
C GLU B 48 -8.20 21.70 6.39
N GLU B 49 -8.82 20.52 6.37
CA GLU B 49 -8.39 19.38 5.52
C GLU B 49 -8.55 19.80 4.05
N MET B 50 -9.68 20.43 3.74
CA MET B 50 -9.97 20.95 2.38
C MET B 50 -8.88 21.93 1.95
N GLN B 51 -8.61 22.96 2.76
CA GLN B 51 -7.68 24.08 2.41
C GLN B 51 -6.23 23.57 2.39
N SER B 52 -5.81 22.77 3.37
CA SER B 52 -4.39 22.40 3.60
C SER B 52 -3.91 21.36 2.57
N THR B 53 -4.81 20.63 1.93
CA THR B 53 -4.47 19.53 0.97
C THR B 53 -4.55 20.00 -0.49
N VAL B 54 -4.75 21.29 -0.73
CA VAL B 54 -4.67 21.92 -2.09
C VAL B 54 -3.22 21.83 -2.58
N ARG B 55 -3.00 21.46 -3.85
CA ARG B 55 -1.67 21.49 -4.51
C ARG B 55 -1.75 22.30 -5.81
N GLU B 56 -0.60 22.79 -6.28
CA GLU B 56 -0.42 23.33 -7.66
C GLU B 56 -0.39 22.12 -8.61
N HIS B 57 -1.33 22.05 -9.57
CA HIS B 57 -1.45 20.94 -10.54
C HIS B 57 -0.68 21.35 -11.81
N ARG B 58 0.04 20.40 -12.40
CA ARG B 58 1.02 20.72 -13.47
C ARG B 58 0.28 20.83 -14.82
N ASP B 59 -1.06 20.81 -14.82
CA ASP B 59 -1.91 21.09 -16.00
C ASP B 59 -2.24 22.60 -16.07
N GLY B 60 -1.67 23.41 -15.17
CA GLY B 60 -1.90 24.88 -15.12
C GLY B 60 -3.36 25.24 -14.88
N GLY B 61 -4.12 24.36 -14.20
CA GLY B 61 -5.53 24.58 -13.84
C GLY B 61 -6.51 24.21 -14.94
N HIS B 62 -6.05 23.50 -15.97
CA HIS B 62 -6.89 23.07 -17.12
C HIS B 62 -8.14 22.36 -16.60
N ALA B 63 -7.98 21.37 -15.73
CA ALA B 63 -9.08 20.47 -15.31
C ALA B 63 -9.98 21.17 -14.28
N GLY B 64 -9.43 21.60 -13.14
CA GLY B 64 -10.21 22.09 -11.97
C GLY B 64 -10.20 23.61 -11.80
N GLY B 65 -9.53 24.36 -12.67
CA GLY B 65 -9.41 25.83 -12.55
C GLY B 65 -8.14 26.25 -11.82
N ILE B 66 -7.83 27.55 -11.84
CA ILE B 66 -6.62 28.16 -11.20
C ILE B 66 -7.02 28.76 -9.83
N PHE B 67 -6.35 28.34 -8.77
CA PHE B 67 -6.65 28.71 -7.36
C PHE B 67 -5.62 28.07 -6.44
N ASN B 68 -5.40 28.64 -5.27
CA ASN B 68 -4.59 28.01 -4.20
C ASN B 68 -5.41 27.91 -2.89
N ARG B 69 -6.68 28.34 -2.90
CA ARG B 69 -7.59 28.32 -1.71
C ARG B 69 -9.05 28.23 -2.18
N TYR B 70 -9.98 27.93 -1.27
CA TYR B 70 -11.43 27.86 -1.55
C TYR B 70 -12.21 28.87 -0.70
N ASN B 71 -13.40 29.26 -1.17
CA ASN B 71 -14.48 29.91 -0.38
C ASN B 71 -15.42 28.79 0.11
N ILE B 72 -15.31 28.37 1.36
CA ILE B 72 -16.12 27.28 1.97
C ILE B 72 -17.44 27.89 2.41
N LEU B 73 -18.55 27.57 1.74
CA LEU B 73 -19.87 28.21 1.96
C LEU B 73 -20.67 27.40 2.98
N LYS B 74 -20.55 26.07 2.92
CA LYS B 74 -21.44 25.17 3.68
C LYS B 74 -20.77 23.80 3.79
N ILE B 75 -20.78 23.24 5.00
CA ILE B 75 -20.38 21.84 5.31
C ILE B 75 -21.55 21.20 6.04
N GLN B 76 -22.14 20.16 5.45
CA GLN B 76 -23.27 19.38 6.01
C GLN B 76 -22.83 17.93 6.24
N LYS B 77 -23.05 17.41 7.45
CA LYS B 77 -22.88 15.97 7.78
C LYS B 77 -24.05 15.22 7.13
N VAL B 78 -23.76 14.23 6.28
CA VAL B 78 -24.77 13.36 5.64
C VAL B 78 -25.11 12.26 6.63
N CYS B 79 -26.38 12.14 7.02
CA CYS B 79 -26.87 11.12 7.97
C CYS B 79 -27.92 10.22 7.28
N ASN B 80 -27.57 8.96 7.02
CA ASN B 80 -28.45 7.95 6.39
C ASN B 80 -28.19 6.58 7.03
N LYS B 81 -29.13 6.07 7.82
CA LYS B 81 -28.95 4.82 8.61
C LYS B 81 -28.68 3.63 7.65
N LYS B 82 -29.42 3.55 6.54
CA LYS B 82 -29.34 2.41 5.58
C LYS B 82 -27.94 2.42 4.97
N LEU B 83 -27.46 3.58 4.51
CA LEU B 83 -26.14 3.69 3.86
C LEU B 83 -25.02 3.43 4.87
N TRP B 84 -25.20 3.83 6.12
CA TRP B 84 -24.21 3.60 7.21
C TRP B 84 -24.13 2.10 7.53
N GLU B 85 -25.28 1.41 7.62
CA GLU B 85 -25.36 -0.05 7.87
C GLU B 85 -24.71 -0.80 6.70
N ARG B 86 -25.00 -0.38 5.47
CA ARG B 86 -24.37 -0.94 4.24
C ARG B 86 -22.84 -0.86 4.37
N TYR B 87 -22.33 0.32 4.73
CA TYR B 87 -20.88 0.60 4.83
C TYR B 87 -20.22 -0.26 5.92
N THR B 88 -20.74 -0.21 7.16
CA THR B 88 -20.15 -0.92 8.32
C THR B 88 -20.10 -2.42 8.03
N HIS B 89 -21.14 -2.95 7.38
CA HIS B 89 -21.29 -4.38 7.03
C HIS B 89 -20.12 -4.82 6.14
N ARG B 90 -19.86 -4.05 5.09
CA ARG B 90 -18.77 -4.30 4.13
C ARG B 90 -17.42 -4.14 4.85
N ARG B 91 -17.30 -3.10 5.68
CA ARG B 91 -16.07 -2.81 6.46
C ARG B 91 -15.69 -4.04 7.29
N LYS B 92 -16.67 -4.72 7.89
CA LYS B 92 -16.43 -5.94 8.70
C LYS B 92 -15.90 -7.06 7.80
N GLU B 93 -16.57 -7.30 6.66
CA GLU B 93 -16.13 -8.36 5.71
C GLU B 93 -14.68 -8.05 5.31
N VAL B 94 -14.36 -6.79 4.98
CA VAL B 94 -13.01 -6.41 4.49
C VAL B 94 -11.97 -6.64 5.59
N SER B 95 -12.22 -6.21 6.83
CA SER B 95 -11.28 -6.32 7.98
C SER B 95 -10.90 -7.79 8.20
N GLU B 96 -11.88 -8.70 8.16
CA GLU B 96 -11.67 -10.17 8.37
C GLU B 96 -10.77 -10.73 7.27
N GLU B 97 -10.89 -10.19 6.05
CA GLU B 97 -10.06 -10.57 4.88
C GLU B 97 -8.69 -9.88 4.91
N ASN B 98 -8.45 -8.95 5.84
CA ASN B 98 -7.20 -8.14 5.85
C ASN B 98 -6.67 -8.02 7.29
N HIS B 99 -6.61 -9.14 8.03
CA HIS B 99 -5.92 -9.29 9.34
C HIS B 99 -6.48 -8.29 10.35
N ASN B 100 -7.81 -8.24 10.43
CA ASN B 100 -8.61 -7.36 11.31
CA ASN B 100 -8.63 -7.34 11.29
C ASN B 100 -8.18 -5.89 11.10
N HIS B 101 -8.07 -5.44 9.85
CA HIS B 101 -7.71 -4.03 9.53
C HIS B 101 -8.43 -3.58 8.26
N ALA B 102 -9.33 -2.59 8.42
CA ALA B 102 -10.19 -2.05 7.34
C ALA B 102 -9.37 -1.19 6.37
N ASN B 103 -8.27 -0.59 6.86
CA ASN B 103 -7.45 0.41 6.11
C ASN B 103 -8.40 1.53 5.73
N GLU B 104 -9.04 2.12 6.73
CA GLU B 104 -10.08 3.16 6.55
C GLU B 104 -9.42 4.53 6.49
N ARG B 105 -9.76 5.30 5.46
CA ARG B 105 -9.22 6.65 5.22
C ARG B 105 -10.39 7.61 5.05
N MET B 106 -10.22 8.83 5.51
CA MET B 106 -11.09 9.98 5.13
C MET B 106 -10.51 10.54 3.84
N LEU B 107 -11.24 10.42 2.73
CA LEU B 107 -10.80 10.92 1.39
C LEU B 107 -11.87 11.80 0.75
N PHE B 108 -11.42 12.68 -0.14
CA PHE B 108 -12.30 13.51 -1.00
C PHE B 108 -12.77 12.69 -2.18
N HIS B 109 -14.00 12.98 -2.62
CA HIS B 109 -14.58 12.51 -3.90
C HIS B 109 -15.21 13.72 -4.62
N GLY B 110 -14.98 13.80 -5.93
CA GLY B 110 -15.67 14.74 -6.82
C GLY B 110 -16.22 14.02 -8.04
N SER B 111 -17.46 14.34 -8.42
CA SER B 111 -18.14 13.82 -9.62
C SER B 111 -19.41 14.64 -9.85
N PRO B 112 -19.99 14.60 -11.07
CA PRO B 112 -21.31 15.20 -11.28
C PRO B 112 -22.50 14.49 -10.60
N PHE B 113 -22.26 13.50 -9.73
CA PHE B 113 -23.33 12.60 -9.18
C PHE B 113 -23.50 12.77 -7.68
N VAL B 114 -22.90 13.82 -7.12
CA VAL B 114 -22.87 14.09 -5.66
C VAL B 114 -24.29 14.05 -5.06
N ASN B 115 -25.28 14.69 -5.69
CA ASN B 115 -26.64 14.77 -5.10
CA ASN B 115 -26.67 14.77 -5.17
C ASN B 115 -27.28 13.37 -5.13
N ALA B 116 -27.02 12.58 -6.17
CA ALA B 116 -27.52 11.19 -6.24
C ALA B 116 -26.84 10.37 -5.14
N ILE B 117 -25.50 10.49 -5.01
CA ILE B 117 -24.66 9.66 -4.10
C ILE B 117 -25.13 9.84 -2.65
N ILE B 118 -25.42 11.06 -2.21
CA ILE B 118 -25.79 11.32 -0.79
C ILE B 118 -27.17 10.72 -0.45
N HIS B 119 -27.99 10.39 -1.46
CA HIS B 119 -29.35 9.81 -1.27
C HIS B 119 -29.32 8.28 -1.45
N LYS B 120 -28.63 7.77 -2.48
CA LYS B 120 -28.68 6.34 -2.89
C LYS B 120 -27.34 5.64 -2.60
N GLY B 121 -26.34 6.35 -2.07
CA GLY B 121 -24.99 5.81 -1.86
C GLY B 121 -24.19 5.76 -3.16
N PHE B 122 -22.87 5.52 -3.08
CA PHE B 122 -22.01 5.30 -4.26
C PHE B 122 -22.46 4.03 -4.99
N ASP B 123 -22.30 4.00 -6.32
CA ASP B 123 -22.86 2.92 -7.20
C ASP B 123 -21.88 2.64 -8.35
N GLU B 124 -21.11 1.56 -8.21
CA GLU B 124 -20.06 1.15 -9.17
C GLU B 124 -20.69 0.97 -10.56
N ARG B 125 -21.98 0.66 -10.65
CA ARG B 125 -22.67 0.40 -11.95
C ARG B 125 -22.60 1.63 -12.86
N HIS B 126 -22.35 2.82 -12.30
CA HIS B 126 -22.23 4.12 -13.02
C HIS B 126 -20.77 4.48 -13.28
N ALA B 127 -19.83 3.58 -12.95
CA ALA B 127 -18.37 3.74 -13.19
C ALA B 127 -18.07 3.64 -14.69
N TYR B 128 -17.10 4.42 -15.16
CA TYR B 128 -16.64 4.51 -16.58
C TYR B 128 -15.53 3.50 -16.83
N ILE B 129 -15.77 2.60 -17.79
CA ILE B 129 -14.90 1.45 -18.25
C ILE B 129 -13.50 1.93 -18.65
N GLY B 130 -13.38 3.15 -19.20
CA GLY B 130 -12.16 3.69 -19.82
C GLY B 130 -11.22 4.41 -18.85
N GLY B 131 -11.70 4.76 -17.65
CA GLY B 131 -10.92 5.46 -16.60
C GLY B 131 -9.53 4.87 -16.40
N MET B 132 -8.60 5.65 -15.86
CA MET B 132 -7.16 5.31 -15.70
C MET B 132 -6.98 3.94 -15.04
N PHE B 133 -7.77 3.63 -14.00
CA PHE B 133 -7.69 2.37 -13.20
C PHE B 133 -9.02 1.60 -13.33
N GLY B 134 -9.69 1.76 -14.47
CA GLY B 134 -10.88 0.99 -14.85
C GLY B 134 -12.14 1.43 -14.12
N ALA B 135 -13.19 0.62 -14.19
CA ALA B 135 -14.56 0.90 -13.70
C ALA B 135 -14.56 0.88 -12.17
N GLY B 136 -14.06 1.97 -11.57
CA GLY B 136 -14.04 2.17 -10.12
C GLY B 136 -14.58 3.53 -9.72
N ILE B 137 -14.75 3.74 -8.41
CA ILE B 137 -15.10 5.03 -7.79
C ILE B 137 -13.81 5.62 -7.25
N TYR B 138 -13.41 6.79 -7.75
CA TYR B 138 -12.08 7.40 -7.49
C TYR B 138 -12.20 8.35 -6.30
N PHE B 139 -11.17 8.37 -5.45
CA PHE B 139 -10.99 9.27 -4.28
C PHE B 139 -9.57 9.85 -4.31
N ALA B 140 -9.35 10.94 -3.58
CA ALA B 140 -8.03 11.59 -3.45
C ALA B 140 -7.84 12.08 -2.01
N GLU B 141 -6.60 12.17 -1.55
CA GLU B 141 -6.24 12.77 -0.23
C GLU B 141 -6.03 14.28 -0.42
N ASN B 142 -5.96 14.74 -1.68
CA ASN B 142 -5.85 16.17 -2.06
C ASN B 142 -7.21 16.65 -2.58
N SER B 143 -7.87 17.56 -1.84
CA SER B 143 -9.14 18.21 -2.25
C SER B 143 -9.04 18.73 -3.69
N SER B 144 -7.92 19.37 -4.04
CA SER B 144 -7.70 20.00 -5.37
C SER B 144 -7.69 18.95 -6.49
N LYS B 145 -7.34 17.70 -6.17
CA LYS B 145 -7.36 16.59 -7.15
C LYS B 145 -8.82 16.21 -7.43
N SER B 146 -9.64 15.98 -6.39
CA SER B 146 -11.07 15.64 -6.53
C SER B 146 -11.83 16.81 -7.16
N ASN B 147 -11.42 18.05 -6.89
CA ASN B 147 -11.98 19.28 -7.54
C ASN B 147 -11.91 19.13 -9.07
N GLN B 148 -10.90 18.44 -9.61
CA GLN B 148 -10.72 18.23 -11.08
C GLN B 148 -11.86 17.40 -11.68
N TYR B 149 -12.61 16.63 -10.88
CA TYR B 149 -13.63 15.68 -11.39
C TYR B 149 -15.05 16.20 -11.15
N VAL B 150 -15.20 17.32 -10.43
CA VAL B 150 -16.53 17.87 -10.03
C VAL B 150 -17.44 17.97 -11.27
N TYR B 151 -16.92 18.43 -12.41
CA TYR B 151 -17.72 18.69 -13.63
C TYR B 151 -17.49 17.61 -14.69
N GLY B 152 -17.01 16.45 -14.28
CA GLY B 152 -16.75 15.29 -15.16
C GLY B 152 -15.29 14.91 -15.21
N ILE B 153 -14.94 13.91 -16.02
CA ILE B 153 -13.54 13.45 -16.21
C ILE B 153 -12.76 14.56 -16.93
N GLY B 154 -11.59 14.92 -16.41
CA GLY B 154 -10.79 16.07 -16.88
C GLY B 154 -11.58 17.37 -16.82
N GLY B 155 -12.49 17.49 -15.84
CA GLY B 155 -13.36 18.67 -15.63
C GLY B 155 -14.39 18.82 -16.74
N GLY B 156 -14.59 17.79 -17.56
CA GLY B 156 -15.49 17.80 -18.73
C GLY B 156 -15.51 19.15 -19.43
N THR B 157 -16.70 19.72 -19.63
CA THR B 157 -16.91 21.02 -20.32
C THR B 157 -17.10 22.14 -19.28
N GLY B 158 -16.73 21.88 -18.01
CA GLY B 158 -16.76 22.89 -16.93
C GLY B 158 -18.17 23.10 -16.39
N CYS B 159 -18.41 24.28 -15.79
CA CYS B 159 -19.69 24.63 -15.10
C CYS B 159 -20.83 24.66 -16.11
N PRO B 160 -22.03 24.18 -15.75
CA PRO B 160 -23.17 24.19 -16.68
C PRO B 160 -23.53 25.57 -17.24
N VAL B 161 -23.39 26.64 -16.46
CA VAL B 161 -23.86 28.01 -16.81
C VAL B 161 -22.88 28.70 -17.77
N HIS B 162 -21.57 28.68 -17.50
CA HIS B 162 -20.53 29.44 -18.24
C HIS B 162 -19.62 28.51 -19.05
N LYS B 163 -19.72 27.18 -18.90
CA LYS B 163 -18.87 26.16 -19.56
C LYS B 163 -17.39 26.50 -19.33
N ASP B 164 -17.05 26.72 -18.06
CA ASP B 164 -15.74 27.27 -17.58
C ASP B 164 -15.23 26.36 -16.46
N ARG B 165 -14.11 25.67 -16.71
CA ARG B 165 -13.51 24.71 -15.74
C ARG B 165 -12.86 25.49 -14.60
N SER B 166 -12.55 26.78 -14.82
CA SER B 166 -11.95 27.69 -13.81
C SER B 166 -12.97 28.72 -13.29
N CYS B 167 -14.26 28.38 -13.36
CA CYS B 167 -15.36 29.29 -12.94
C CYS B 167 -15.26 29.58 -11.45
N TYR B 168 -15.26 30.88 -11.08
CA TYR B 168 -15.14 31.39 -9.69
C TYR B 168 -16.52 31.76 -9.14
N ILE B 169 -17.57 31.66 -9.98
CA ILE B 169 -18.95 32.11 -9.66
C ILE B 169 -19.79 30.91 -9.21
N CYS B 170 -19.91 29.88 -10.04
CA CYS B 170 -20.79 28.71 -9.77
C CYS B 170 -20.29 27.97 -8.51
N HIS B 171 -21.23 27.58 -7.64
CA HIS B 171 -20.92 26.84 -6.38
C HIS B 171 -20.67 25.37 -6.72
N ARG B 172 -19.55 24.82 -6.26
CA ARG B 172 -19.13 23.40 -6.47
C ARG B 172 -19.48 22.59 -5.23
N GLN B 173 -19.52 21.26 -5.34
CA GLN B 173 -19.69 20.34 -4.20
C GLN B 173 -18.67 19.20 -4.28
N LEU B 174 -17.95 18.96 -3.18
CA LEU B 174 -17.15 17.73 -2.94
C LEU B 174 -17.82 16.92 -1.85
N LEU B 175 -17.51 15.62 -1.77
CA LEU B 175 -17.79 14.78 -0.58
C LEU B 175 -16.46 14.50 0.13
N PHE B 176 -16.47 14.53 1.46
CA PHE B 176 -15.37 14.03 2.31
C PHE B 176 -15.88 12.73 2.94
N CYS B 177 -15.38 11.59 2.43
CA CYS B 177 -15.96 10.27 2.67
C CYS B 177 -15.07 9.40 3.55
N ARG B 178 -15.71 8.57 4.38
CA ARG B 178 -15.08 7.41 5.05
C ARG B 178 -14.95 6.28 4.02
N VAL B 179 -13.73 5.89 3.68
CA VAL B 179 -13.43 4.87 2.64
C VAL B 179 -12.64 3.71 3.26
N THR B 180 -13.16 2.50 3.09
CA THR B 180 -12.49 1.22 3.40
C THR B 180 -11.62 0.83 2.21
N LEU B 181 -10.29 0.86 2.34
CA LEU B 181 -9.35 0.48 1.25
C LEU B 181 -8.95 -0.99 1.35
N GLY B 182 -9.08 -1.62 2.54
CA GLY B 182 -8.64 -2.98 2.83
C GLY B 182 -7.20 -3.19 2.41
N LYS B 183 -6.89 -4.33 1.79
CA LYS B 183 -5.58 -4.58 1.14
C LYS B 183 -5.61 -3.91 -0.23
N SER B 184 -4.89 -2.80 -0.38
CA SER B 184 -4.86 -1.95 -1.60
C SER B 184 -3.70 -2.41 -2.47
N PHE B 185 -3.94 -2.51 -3.79
CA PHE B 185 -2.95 -2.94 -4.80
C PHE B 185 -2.28 -1.70 -5.36
N LEU B 186 -0.96 -1.58 -5.23
CA LEU B 186 -0.20 -0.44 -5.80
C LEU B 186 -0.10 -0.66 -7.30
N GLN B 187 -0.54 0.31 -8.10
CA GLN B 187 -0.57 0.27 -9.58
C GLN B 187 -0.07 1.62 -10.13
N PHE B 188 0.57 1.63 -11.30
CA PHE B 188 1.02 2.87 -11.98
C PHE B 188 0.11 3.16 -13.18
N SER B 189 0.28 4.34 -13.77
CA SER B 189 -0.45 4.81 -14.98
C SER B 189 0.34 4.40 -16.25
N MET B 193 -9.80 -3.57 -15.97
CA MET B 193 -9.91 -3.58 -14.48
C MET B 193 -11.37 -3.28 -14.07
N ALA B 194 -12.18 -4.34 -13.94
CA ALA B 194 -13.62 -4.31 -13.54
C ALA B 194 -13.75 -4.30 -12.01
N HIS B 195 -12.86 -5.03 -11.34
CA HIS B 195 -12.89 -5.26 -9.87
C HIS B 195 -11.48 -5.10 -9.29
N SER B 196 -11.38 -5.19 -7.96
CA SER B 196 -10.09 -5.27 -7.23
C SER B 196 -9.35 -6.50 -7.74
N PRO B 197 -8.00 -6.47 -7.84
CA PRO B 197 -7.23 -7.68 -8.12
C PRO B 197 -7.48 -8.74 -7.04
N PRO B 198 -7.27 -10.03 -7.38
CA PRO B 198 -7.54 -11.11 -6.42
C PRO B 198 -6.79 -10.86 -5.11
N GLY B 199 -7.43 -11.11 -3.97
CA GLY B 199 -6.88 -10.94 -2.61
C GLY B 199 -6.92 -9.50 -2.12
N HIS B 200 -7.29 -8.52 -2.97
CA HIS B 200 -7.26 -7.06 -2.66
C HIS B 200 -8.68 -6.49 -2.61
N HIS B 201 -8.84 -5.31 -2.00
CA HIS B 201 -10.14 -4.63 -1.78
C HIS B 201 -10.20 -3.23 -2.41
N SER B 202 -9.11 -2.78 -3.04
CA SER B 202 -8.95 -1.40 -3.60
C SER B 202 -7.64 -1.32 -4.40
N VAL B 203 -7.47 -0.22 -5.13
CA VAL B 203 -6.24 0.14 -5.90
C VAL B 203 -5.74 1.52 -5.44
N THR B 204 -4.45 1.62 -5.11
CA THR B 204 -3.75 2.90 -4.85
C THR B 204 -2.88 3.23 -6.06
N GLY B 205 -3.20 4.30 -6.80
CA GLY B 205 -2.39 4.78 -7.94
C GLY B 205 -1.38 5.83 -7.51
N ARG B 206 -0.31 6.02 -8.29
CA ARG B 206 0.47 7.29 -8.23
C ARG B 206 0.76 7.84 -9.63
N PRO B 207 -0.23 8.52 -10.28
CA PRO B 207 -0.01 9.16 -11.58
C PRO B 207 0.67 10.53 -11.47
N SER B 208 1.34 10.96 -12.55
CA SER B 208 1.97 12.30 -12.70
C SER B 208 1.20 13.13 -13.72
N VAL B 209 1.08 14.44 -13.47
CA VAL B 209 0.59 15.47 -14.45
C VAL B 209 1.80 15.90 -15.29
N ASN B 210 2.80 16.47 -14.61
CA ASN B 210 4.14 16.85 -15.17
C ASN B 210 5.18 16.73 -14.03
N GLY B 211 5.51 15.50 -13.62
CA GLY B 211 6.56 15.22 -12.62
C GLY B 211 6.02 15.19 -11.19
N LEU B 212 4.87 15.81 -10.93
CA LEU B 212 4.17 15.83 -9.60
C LEU B 212 3.30 14.58 -9.45
N ALA B 213 3.48 13.85 -8.34
CA ALA B 213 2.83 12.54 -8.06
C ALA B 213 1.80 12.71 -6.93
N LEU B 214 0.51 12.75 -7.28
CA LEU B 214 -0.64 12.77 -6.33
C LEU B 214 -1.30 11.39 -6.29
N ALA B 215 -1.58 10.90 -5.08
CA ALA B 215 -2.26 9.62 -4.79
C ALA B 215 -3.70 9.64 -5.34
N GLU B 216 -4.11 8.57 -6.02
CA GLU B 216 -5.54 8.25 -6.29
C GLU B 216 -5.85 6.93 -5.59
N TYR B 217 -7.06 6.80 -5.04
CA TYR B 217 -7.57 5.55 -4.44
C TYR B 217 -8.85 5.14 -5.19
N VAL B 218 -8.95 3.87 -5.58
CA VAL B 218 -10.12 3.35 -6.34
C VAL B 218 -10.71 2.15 -5.61
N ILE B 219 -12.03 2.19 -5.37
CA ILE B 219 -12.85 1.04 -4.90
C ILE B 219 -13.75 0.59 -6.06
N TYR B 220 -14.17 -0.67 -6.02
CA TYR B 220 -14.95 -1.33 -7.10
C TYR B 220 -16.30 -1.80 -6.56
N ARG B 221 -16.62 -1.40 -5.33
CA ARG B 221 -17.90 -1.68 -4.63
C ARG B 221 -18.33 -0.40 -3.92
N GLY B 222 -19.50 0.12 -4.29
CA GLY B 222 -20.07 1.38 -3.77
C GLY B 222 -20.16 1.40 -2.25
N GLU B 223 -20.39 0.25 -1.61
CA GLU B 223 -20.61 0.15 -0.14
C GLU B 223 -19.27 0.20 0.62
N GLN B 224 -18.12 0.30 -0.06
CA GLN B 224 -16.80 0.51 0.59
C GLN B 224 -16.55 2.01 0.86
N ALA B 225 -17.53 2.89 0.65
CA ALA B 225 -17.43 4.33 0.96
C ALA B 225 -18.75 4.84 1.52
N TYR B 226 -18.70 5.65 2.59
CA TYR B 226 -19.83 6.44 3.13
C TYR B 226 -19.55 7.93 2.89
N PRO B 227 -20.48 8.66 2.22
CA PRO B 227 -20.27 10.08 1.94
C PRO B 227 -20.66 10.89 3.18
N GLU B 228 -19.68 11.18 4.04
CA GLU B 228 -19.91 11.60 5.45
C GLU B 228 -20.24 13.10 5.50
N TYR B 229 -19.55 13.92 4.69
CA TYR B 229 -19.69 15.41 4.66
C TYR B 229 -19.91 15.88 3.23
N LEU B 230 -20.93 16.72 3.03
CA LEU B 230 -21.19 17.43 1.76
C LEU B 230 -20.65 18.85 1.94
N ILE B 231 -19.68 19.24 1.12
CA ILE B 231 -19.00 20.57 1.20
C ILE B 231 -19.40 21.38 -0.02
N THR B 232 -20.09 22.51 0.20
CA THR B 232 -20.44 23.49 -0.86
C THR B 232 -19.39 24.60 -0.84
N TYR B 233 -18.75 24.87 -1.97
CA TYR B 233 -17.63 25.83 -2.05
C TYR B 233 -17.56 26.47 -3.44
N GLN B 234 -16.67 27.45 -3.54
CA GLN B 234 -16.15 27.98 -4.82
C GLN B 234 -14.63 27.90 -4.74
N ILE B 235 -13.97 27.76 -5.88
CA ILE B 235 -12.52 28.10 -6.01
C ILE B 235 -12.42 29.63 -5.91
N MET B 236 -11.40 30.09 -5.20
CA MET B 236 -11.11 31.52 -4.99
C MET B 236 -10.16 31.97 -6.10
N ARG B 237 -10.46 33.10 -6.74
CA ARG B 237 -9.52 33.77 -7.69
C ARG B 237 -8.26 34.14 -6.92
N PRO B 238 -7.05 33.75 -7.38
CA PRO B 238 -5.82 34.21 -6.75
C PRO B 238 -5.66 35.72 -6.88
N GLU B 239 -4.90 36.34 -5.96
CA GLU B 239 -4.73 37.82 -5.81
C GLU B 239 -3.81 38.37 -6.92
N GLY B 240 -2.55 37.93 -7.01
CA GLY B 240 -1.56 38.52 -7.93
C GLY B 240 -0.14 38.36 -7.43
C4 NJH C . 20.51 -7.14 -1.24
C5 NJH C . 19.62 -7.87 -2.02
C6 NJH C . 19.52 -7.66 -3.39
N1 NJH C . 20.30 -6.69 -4.01
N3 NJH C . 21.25 -6.18 -1.82
CL1 NJH C . 22.33 -9.86 -0.45
CAB NJH C . 23.43 -8.47 -0.10
CAC NJH C . 24.76 -8.57 -0.49
CAD NJH C . 25.62 -7.50 -0.24
CAE NJH C . 25.14 -6.36 0.39
CAF NJH C . 23.80 -6.25 0.78
CAG NJH C . 22.93 -7.30 0.53
NAH NJH C . 21.64 -7.27 0.88
CAI NJH C . 20.57 -7.27 0.10
C2 NJH C . 21.18 -5.94 -3.21
NAJ NJH C . 19.46 -7.31 0.86
NAK NJH C . 19.77 -7.37 1.97
CAL NJH C . 21.09 -7.39 2.09
CAM NJH C . 21.80 -7.43 3.48
CAP NJH C . 22.64 -6.21 3.99
CAQ NJH C . 23.02 -8.30 3.66
CAN NJH C . 21.22 -8.00 4.75
CAO NJH C . 22.61 -7.44 4.89
NAR NJH C . 23.44 -7.60 6.09
CAS NJH C . 22.97 -7.31 7.33
OAT NJH C . 21.82 -6.90 7.57
CAU NJH C . 23.87 -7.50 8.38
NAZ NJH C . 23.40 -7.49 9.63
CAY NJH C . 24.26 -7.67 10.74
CAX NJH C . 25.62 -7.85 10.55
CAW NJH C . 26.11 -7.86 9.26
CAV NJH C . 25.24 -7.69 8.18
H5 NJH C . 18.99 -8.63 -1.55
H6 NJH C . 18.83 -8.25 -3.99
HAC NJH C . 25.12 -9.46 -0.99
HAD NJH C . 26.66 -7.57 -0.54
HAE NJH C . 25.82 -5.53 0.59
HAF NJH C . 23.44 -5.36 1.27
H2 NJH C . 21.81 -5.18 -3.66
HAP NJH C . 22.18 -5.48 4.66
HAQ NJH C . 23.73 -6.12 3.84
HAR NJH C . 24.04 -7.93 3.54
HAS NJH C . 22.95 -9.31 4.08
HAN NJH C . 21.07 -9.09 4.71
HAO NJH C . 20.40 -7.40 5.13
H6L NJH C . 24.37 -7.93 5.93
HAY NJH C . 23.85 -7.67 11.76
HAX NJH C . 26.30 -8.00 11.40
HAW NJH C . 27.18 -8.00 9.08
HAV NJH C . 25.67 -7.69 7.18
ZN ZN D . 27.79 -27.41 -2.71
C4 NJH E . -14.26 8.72 -11.85
C5 NJH E . -13.28 9.62 -11.42
C6 NJH E . -12.13 9.76 -12.17
N1 NJH E . -11.96 9.00 -13.33
N3 NJH E . -14.09 7.97 -12.94
CL1 NJH E . -16.27 11.30 -12.21
CAB NJH E . -17.00 10.09 -13.12
CAC NJH E . -17.52 10.43 -14.37
CAD NJH E . -18.13 9.47 -15.15
CAE NJH E . -18.23 8.16 -14.67
CAF NJH E . -17.72 7.82 -13.42
CAG NJH E . -17.10 8.79 -12.64
NAH NJH E . -16.59 8.47 -11.46
CAI NJH E . -15.33 8.49 -11.11
C2 NJH E . -12.94 8.10 -13.73
NAJ NJH E . -15.21 8.12 -9.84
NAK NJH E . -16.20 7.92 -9.40
CAL NJH E . -17.16 8.11 -10.30
CAM NJH E . -18.63 7.89 -9.96
CAP NJH E . -19.43 6.70 -10.55
CAQ NJH E . -19.66 8.78 -10.61
CAN NJH E . -19.28 8.18 -8.64
CAO NJH E . -20.24 7.68 -9.68
NAR NJH E . -21.71 7.68 -9.54
CAS NJH E . -22.33 7.12 -8.47
OAT NJH E . -21.74 6.59 -7.53
CAU NJH E . -23.72 7.13 -8.46
NAZ NJH E . -24.35 6.83 -7.31
CAY NJH E . -25.76 6.81 -7.20
CAX NJH E . -26.55 7.07 -8.32
CAW NJH E . -25.89 7.36 -9.52
CAV NJH E . -24.50 7.41 -9.59
H5 NJH E . -13.42 10.18 -10.50
H6 NJH E . -11.36 10.47 -11.85
HAC NJH E . -17.44 11.46 -14.73
HAD NJH E . -18.55 9.73 -16.13
HAE NJH E . -18.72 7.39 -15.28
HAF NJH E . -17.79 6.80 -13.06
H2 NJH E . -12.82 7.51 -14.65
HAP NJH E . -19.46 5.75 -10.04
HAQ NJH E . -20.02 6.75 -11.46
HAR NJH E . -20.07 8.55 -11.61
HAS NJH E . -20.07 9.66 -10.12
HAN NJH E . -19.28 9.24 -8.37
HAO NJH E . -18.96 7.48 -7.87
H6L NJH E . -22.20 8.10 -10.30
HAY NJH E . -26.24 6.57 -6.25
HAX NJH E . -27.63 7.06 -8.27
HAW NJH E . -26.48 7.58 -10.41
HAV NJH E . -24.04 7.63 -10.54
ZN ZN F . -19.97 29.06 -13.87
#